data_4AHA
#
_entry.id   4AHA
#
_cell.length_a   45.730
_cell.length_b   88.380
_cell.length_c   78.580
_cell.angle_alpha   90.00
_cell.angle_beta   99.63
_cell.angle_gamma   90.00
#
_symmetry.space_group_name_H-M   'P 1 21 1'
#
loop_
_entity.id
_entity.type
_entity.pdbx_description
1 polymer 'Fucose-specific lectin'
2 branched alpha-L-fucopyranose-(1-4)-2-acetamido-2-deoxy-beta-D-glucopyranose
3 non-polymer alpha-L-fucopyranose
4 water water
#
_entity_poly.entity_id   1
_entity_poly.type   'polypeptide(L)'
_entity_poly.pdbx_seq_one_letter_code
;MSTPGAQQVLFRTGIAAVNSTNHLRVYFQDVYGSIRESLYEGSWANGTEKNVIGNAKLGSPVAATSKELKHIRVYTLTEG
NTLQEFAYDSGTGWYNGGLGGAKFQVAPYSCIAAVFLAGTDALQLRIYAQKPDNTIQEYMWNGDGWKEGTNLGGALPGTG
IGATSFRYTDYNGPSIRIWFQTDDLKLVQRAYDPHKGWYPDLVTIFDRAPPRTAIAATSFGAGNSSIYMRIYFVNSDNTI
WQVCWDHGKGYHDKGTITPVIQGSEVAIISWGSFANNGPDLRLYFQNGTYISAVSEWVWNRAHGSQLGRSALPPA
;
_entity_poly.pdbx_strand_id   A,B
#
# COMPACT_ATOMS: atom_id res chain seq x y z
N SER A 2 18.83 -11.93 7.33
CA SER A 2 17.36 -12.31 7.26
C SER A 2 16.62 -12.09 8.59
N THR A 3 15.45 -11.46 8.51
CA THR A 3 14.77 -10.90 9.70
C THR A 3 13.30 -11.34 9.65
N PRO A 4 12.98 -12.58 10.11
CA PRO A 4 11.62 -13.12 9.95
C PRO A 4 10.57 -12.39 10.75
N GLY A 5 10.94 -11.90 11.93
CA GLY A 5 10.11 -10.96 12.71
C GLY A 5 9.67 -9.74 11.90
N ALA A 6 10.61 -9.01 11.31
CA ALA A 6 10.24 -7.84 10.52
C ALA A 6 9.32 -8.22 9.36
N GLN A 7 9.58 -9.36 8.73
CA GLN A 7 8.77 -9.87 7.60
C GLN A 7 7.31 -10.12 8.01
N GLN A 8 7.06 -10.27 9.32
CA GLN A 8 5.71 -10.51 9.80
C GLN A 8 4.87 -9.24 9.82
N VAL A 9 5.51 -8.07 9.71
CA VAL A 9 4.81 -6.80 9.76
C VAL A 9 4.35 -6.47 8.35
N LEU A 10 3.06 -6.14 8.19
CA LEU A 10 2.51 -5.78 6.92
C LEU A 10 3.14 -4.48 6.33
N PHE A 11 3.60 -4.57 5.09
CA PHE A 11 4.09 -3.39 4.39
C PHE A 11 2.95 -2.40 4.28
N ARG A 12 3.18 -1.18 4.76
CA ARG A 12 2.14 -0.12 4.81
C ARG A 12 1.00 -0.41 5.82
N THR A 13 1.31 -1.17 6.85
CA THR A 13 0.42 -1.36 7.96
C THR A 13 -0.01 -0.04 8.55
N GLY A 14 -1.28 0.02 8.93
CA GLY A 14 -1.74 1.03 9.88
C GLY A 14 -0.98 0.90 11.18
N ILE A 15 -0.69 2.04 11.78
CA ILE A 15 0.04 2.13 13.05
C ILE A 15 -0.74 3.04 13.98
N ALA A 16 -0.93 2.65 15.23
CA ALA A 16 -1.48 3.49 16.28
C ALA A 16 -0.49 3.40 17.45
N ALA A 17 -0.52 4.40 18.36
CA ALA A 17 0.18 4.31 19.61
C ALA A 17 -0.47 5.05 20.80
N VAL A 18 -0.23 4.52 22.02
CA VAL A 18 -0.70 5.11 23.25
C VAL A 18 0.40 5.02 24.31
N ASN A 19 0.25 5.85 25.34
CA ASN A 19 1.26 5.95 26.37
C ASN A 19 0.73 6.53 27.67
N SER A 20 1.48 6.29 28.73
CA SER A 20 1.37 7.06 29.96
C SER A 20 2.78 7.43 30.25
N THR A 21 3.06 8.73 30.16
CA THR A 21 4.42 9.23 30.03
C THR A 21 5.28 8.29 29.12
N ASN A 22 6.41 7.80 29.62
CA ASN A 22 7.37 6.96 28.88
C ASN A 22 7.07 5.44 28.94
N HIS A 23 5.81 5.07 29.24
CA HIS A 23 5.32 3.70 29.23
C HIS A 23 4.48 3.61 27.95
N LEU A 24 4.91 2.80 26.96
CA LEU A 24 4.42 2.95 25.60
C LEU A 24 3.85 1.65 25.07
N ARG A 25 2.81 1.76 24.22
CA ARG A 25 2.23 0.64 23.46
C ARG A 25 1.98 1.06 22.01
N VAL A 26 2.32 0.19 21.07
CA VAL A 26 2.26 0.47 19.63
C VAL A 26 1.48 -0.67 18.95
N TYR A 27 0.47 -0.34 18.16
CA TYR A 27 -0.44 -1.35 17.50
C TYR A 27 -0.20 -1.32 16.00
N PHE A 28 -0.12 -2.50 15.40
CA PHE A 28 0.13 -2.66 13.95
C PHE A 28 -0.54 -3.93 13.43
N GLN A 29 -0.72 -4.03 12.11
CA GLN A 29 -1.28 -5.26 11.55
C GLN A 29 -0.17 -6.15 11.02
N ASP A 30 -0.32 -7.47 11.22
CA ASP A 30 0.60 -8.44 10.61
C ASP A 30 0.15 -8.91 9.23
N VAL A 31 0.98 -9.74 8.56
CA VAL A 31 0.65 -10.17 7.20
C VAL A 31 -0.57 -11.07 7.10
N TYR A 32 -1.05 -11.60 8.23
CA TYR A 32 -2.27 -12.40 8.25
C TYR A 32 -3.49 -11.55 8.64
N GLY A 33 -3.30 -10.28 8.91
CA GLY A 33 -4.43 -9.40 9.21
C GLY A 33 -4.72 -9.28 10.70
N SER A 34 -3.96 -9.98 11.53
CA SER A 34 -4.05 -9.86 12.99
C SER A 34 -3.45 -8.56 13.45
N ILE A 35 -4.04 -8.00 14.50
CA ILE A 35 -3.56 -6.77 15.13
C ILE A 35 -2.71 -7.12 16.34
N ARG A 36 -1.45 -6.72 16.32
CA ARG A 36 -0.52 -7.05 17.39
C ARG A 36 -0.10 -5.86 18.23
N GLU A 37 0.33 -6.13 19.47
CA GLU A 37 0.80 -5.09 20.37
C GLU A 37 2.27 -5.23 20.72
N SER A 38 3.04 -4.15 20.51
CA SER A 38 4.38 -4.06 21.05
C SER A 38 4.35 -3.11 22.22
N LEU A 39 5.34 -3.24 23.09
CA LEU A 39 5.32 -2.59 24.38
C LEU A 39 6.70 -2.04 24.74
N TYR A 40 6.71 -0.92 25.46
CA TYR A 40 7.93 -0.40 26.01
C TYR A 40 7.80 -0.16 27.55
N GLU A 41 8.44 -0.99 28.35
CA GLU A 41 8.44 -0.81 29.83
C GLU A 41 9.89 -0.89 30.33
N GLY A 42 10.65 0.19 30.19
CA GLY A 42 12.07 0.14 30.45
C GLY A 42 12.83 -0.35 29.25
N SER A 43 12.19 -1.12 28.40
CA SER A 43 12.79 -1.57 27.15
C SER A 43 11.67 -2.14 26.25
N TRP A 44 12.05 -2.54 25.05
CA TRP A 44 11.05 -2.91 24.04
C TRP A 44 10.81 -4.40 24.07
N ALA A 45 9.56 -4.80 23.84
CA ALA A 45 9.16 -6.18 23.99
C ALA A 45 7.89 -6.48 23.17
N ASN A 46 7.70 -7.74 22.83
CA ASN A 46 6.44 -8.27 22.32
C ASN A 46 6.21 -8.07 20.84
N GLY A 47 5.00 -7.69 20.42
CA GLY A 47 4.65 -7.68 18.99
C GLY A 47 4.76 -9.01 18.26
N THR A 48 4.81 -10.12 18.99
CA THR A 48 4.81 -11.45 18.37
C THR A 48 3.39 -11.93 18.11
N GLU A 49 3.32 -13.12 17.54
CA GLU A 49 2.08 -13.74 17.22
C GLU A 49 1.32 -14.20 18.48
N LYS A 50 1.98 -14.19 19.62
CA LYS A 50 1.30 -14.42 20.88
C LYS A 50 0.66 -13.12 21.41
N ASN A 51 0.96 -11.97 20.79
CA ASN A 51 0.49 -10.70 21.31
C ASN A 51 -0.56 -10.12 20.40
N VAL A 52 -1.48 -10.95 19.94
CA VAL A 52 -2.59 -10.56 19.07
C VAL A 52 -3.81 -10.16 19.89
N ILE A 53 -4.38 -9.02 19.58
CA ILE A 53 -5.50 -8.49 20.32
C ILE A 53 -6.79 -8.61 19.52
N GLY A 54 -6.71 -9.09 18.28
CA GLY A 54 -7.89 -9.20 17.42
C GLY A 54 -7.50 -9.29 15.96
N ASN A 55 -8.47 -9.44 15.08
CA ASN A 55 -8.29 -9.45 13.64
C ASN A 55 -9.09 -8.39 12.91
N ALA A 56 -8.60 -7.95 11.77
CA ALA A 56 -9.36 -7.01 10.90
C ALA A 56 -9.02 -7.26 9.46
N LYS A 57 -9.74 -6.61 8.53
CA LYS A 57 -9.53 -6.80 7.07
C LYS A 57 -8.09 -6.46 6.74
N LEU A 58 -7.43 -7.24 5.88
CA LEU A 58 -6.03 -6.85 5.49
C LEU A 58 -6.00 -5.42 4.97
N GLY A 59 -4.99 -4.67 5.40
CA GLY A 59 -4.86 -3.25 5.01
C GLY A 59 -5.77 -2.28 5.77
N SER A 60 -6.47 -2.77 6.80
CA SER A 60 -7.29 -1.95 7.69
C SER A 60 -6.57 -0.72 8.27
N PRO A 61 -7.29 0.40 8.38
CA PRO A 61 -6.77 1.42 9.26
C PRO A 61 -6.64 0.93 10.69
N VAL A 62 -5.70 1.52 11.42
CA VAL A 62 -5.48 1.20 12.82
C VAL A 62 -5.37 2.51 13.60
N ALA A 63 -6.35 2.73 14.48
CA ALA A 63 -6.35 3.88 15.40
C ALA A 63 -6.40 3.40 16.86
N ALA A 64 -5.83 4.22 17.73
CA ALA A 64 -5.89 3.94 19.16
C ALA A 64 -5.97 5.20 20.00
N THR A 65 -6.65 5.10 21.15
CA THR A 65 -6.63 6.14 22.16
C THR A 65 -6.68 5.50 23.57
N SER A 66 -6.28 6.27 24.59
CA SER A 66 -6.21 5.75 25.94
C SER A 66 -6.38 6.83 27.02
N LYS A 67 -6.76 6.39 28.23
CA LYS A 67 -6.54 7.14 29.46
C LYS A 67 -5.36 6.52 30.22
N GLU A 68 -4.22 7.17 30.12
CA GLU A 68 -2.94 6.60 30.55
C GLU A 68 -2.93 5.17 29.97
N LEU A 69 -2.53 4.17 30.76
CA LEU A 69 -2.61 2.79 30.32
C LEU A 69 -3.64 2.01 31.14
N LYS A 70 -4.57 2.75 31.74
CA LYS A 70 -5.67 2.17 32.49
C LYS A 70 -6.79 1.75 31.56
N HIS A 71 -7.02 2.51 30.49
CA HIS A 71 -8.03 2.21 29.50
C HIS A 71 -7.46 2.41 28.12
N ILE A 72 -7.43 1.36 27.31
CA ILE A 72 -7.00 1.53 25.91
C ILE A 72 -8.13 1.08 25.01
N ARG A 73 -8.28 1.74 23.86
CA ARG A 73 -9.23 1.34 22.82
C ARG A 73 -8.57 1.38 21.43
N VAL A 74 -8.70 0.29 20.65
CA VAL A 74 -8.07 0.15 19.34
C VAL A 74 -9.13 -0.10 18.29
N TYR A 75 -9.15 0.74 17.27
CA TYR A 75 -10.21 0.70 16.24
C TYR A 75 -9.66 0.31 14.84
N THR A 76 -10.39 -0.60 14.19
CA THR A 76 -10.05 -1.19 12.92
C THR A 76 -11.40 -1.40 12.15
N LEU A 77 -11.29 -1.83 10.89
CA LEU A 77 -12.47 -2.20 10.10
C LEU A 77 -12.64 -3.73 10.03
N THR A 78 -13.87 -4.23 10.07
CA THR A 78 -14.13 -5.64 9.82
C THR A 78 -14.09 -5.88 8.32
N GLU A 79 -14.16 -7.15 7.91
CA GLU A 79 -14.25 -7.53 6.50
C GLU A 79 -15.50 -6.95 5.87
N GLY A 80 -16.54 -6.76 6.68
CA GLY A 80 -17.77 -6.16 6.24
C GLY A 80 -17.71 -4.64 6.23
N ASN A 81 -16.53 -4.05 6.42
CA ASN A 81 -16.40 -2.62 6.42
C ASN A 81 -17.27 -1.94 7.45
N THR A 82 -17.34 -2.53 8.64
CA THR A 82 -17.96 -1.90 9.77
C THR A 82 -16.87 -1.61 10.80
N LEU A 83 -17.05 -0.51 11.52
CA LEU A 83 -16.14 -0.16 12.60
C LEU A 83 -16.20 -1.26 13.67
N GLN A 84 -15.06 -1.53 14.31
CA GLN A 84 -14.96 -2.44 15.46
C GLN A 84 -13.90 -1.94 16.48
N GLU A 85 -13.88 -2.54 17.68
CA GLU A 85 -13.17 -1.97 18.80
C GLU A 85 -12.65 -3.08 19.71
N PHE A 86 -11.35 -3.03 19.99
CA PHE A 86 -10.75 -3.91 20.99
C PHE A 86 -10.43 -3.02 22.19
N ALA A 87 -10.92 -3.40 23.37
CA ALA A 87 -10.83 -2.64 24.63
C ALA A 87 -9.92 -3.30 25.65
N TYR A 88 -9.04 -2.52 26.28
CA TYR A 88 -8.31 -2.95 27.46
C TYR A 88 -8.74 -2.12 28.68
N ASP A 89 -9.08 -2.80 29.77
CA ASP A 89 -9.31 -2.09 31.05
C ASP A 89 -8.48 -2.80 32.12
N SER A 90 -7.71 -2.03 32.86
CA SER A 90 -6.85 -2.57 33.92
C SER A 90 -7.72 -3.45 34.83
N GLY A 91 -7.24 -4.61 35.23
CA GLY A 91 -8.05 -5.44 36.13
C GLY A 91 -9.00 -6.34 35.34
N THR A 92 -9.31 -5.96 34.10
CA THR A 92 -10.11 -6.80 33.21
C THR A 92 -9.30 -7.43 32.10
N GLY A 93 -8.41 -6.66 31.47
CA GLY A 93 -7.63 -7.15 30.31
C GLY A 93 -8.37 -6.86 29.03
N TRP A 94 -8.11 -7.63 27.97
CA TRP A 94 -8.61 -7.32 26.63
C TRP A 94 -9.93 -7.94 26.41
N TYR A 95 -10.79 -7.30 25.63
CA TYR A 95 -12.06 -7.91 25.20
C TYR A 95 -12.57 -7.15 24.01
N ASN A 96 -13.59 -7.71 23.34
CA ASN A 96 -14.25 -7.07 22.22
CA ASN A 96 -14.23 -7.06 22.21
C ASN A 96 -15.22 -6.02 22.71
N GLY A 97 -15.05 -4.78 22.27
CA GLY A 97 -15.91 -3.70 22.73
C GLY A 97 -17.17 -3.53 21.92
N GLY A 98 -18.09 -2.78 22.49
CA GLY A 98 -19.44 -2.67 21.96
C GLY A 98 -19.60 -1.95 20.63
N LEU A 99 -18.55 -1.28 20.14
CA LEU A 99 -18.68 -0.59 18.85
C LEU A 99 -19.15 -1.53 17.72
N GLY A 100 -18.54 -2.71 17.61
CA GLY A 100 -18.90 -3.69 16.59
C GLY A 100 -20.39 -3.96 16.48
N GLY A 101 -21.04 -4.13 17.63
CA GLY A 101 -22.49 -4.36 17.72
C GLY A 101 -23.33 -3.31 17.04
N ALA A 102 -22.82 -2.09 16.96
CA ALA A 102 -23.58 -1.01 16.31
C ALA A 102 -23.62 -1.07 14.76
N LYS A 103 -22.66 -1.78 14.16
CA LYS A 103 -22.57 -2.09 12.73
C LYS A 103 -22.52 -0.83 11.84
N PHE A 104 -21.72 0.13 12.24
CA PHE A 104 -21.60 1.36 11.49
C PHE A 104 -20.83 1.07 10.22
N GLN A 105 -21.56 1.06 9.10
CA GLN A 105 -21.01 0.89 7.74
C GLN A 105 -20.28 2.13 7.28
N VAL A 106 -19.02 1.97 6.86
CA VAL A 106 -18.21 3.08 6.37
C VAL A 106 -17.62 2.76 5.00
N ALA A 107 -17.04 3.75 4.36
CA ALA A 107 -16.43 3.54 3.05
C ALA A 107 -15.37 2.43 3.18
N PRO A 108 -15.30 1.52 2.21
CA PRO A 108 -14.28 0.49 2.29
C PRO A 108 -12.87 1.07 2.43
N TYR A 109 -12.64 2.25 1.90
CA TYR A 109 -11.35 2.94 1.96
C TYR A 109 -11.22 3.97 3.13
N SER A 110 -12.16 3.95 4.06
CA SER A 110 -12.17 4.85 5.19
C SER A 110 -10.95 4.70 6.09
N CYS A 111 -10.42 5.79 6.62
CA CYS A 111 -9.48 5.71 7.74
C CYS A 111 -10.28 5.96 9.02
N ILE A 112 -9.60 5.95 10.18
CA ILE A 112 -10.24 6.10 11.47
C ILE A 112 -9.32 6.95 12.34
N ALA A 113 -9.95 7.82 13.15
CA ALA A 113 -9.24 8.54 14.26
C ALA A 113 -10.11 8.47 15.51
N ALA A 114 -9.47 8.47 16.68
CA ALA A 114 -10.20 8.25 17.93
C ALA A 114 -9.56 9.05 19.03
N VAL A 115 -10.39 9.63 19.91
CA VAL A 115 -9.95 10.28 21.11
C VAL A 115 -10.86 10.00 22.30
N PHE A 116 -10.25 9.94 23.49
CA PHE A 116 -10.93 10.16 24.77
C PHE A 116 -11.02 11.68 24.98
N LEU A 117 -12.21 12.16 25.31
CA LEU A 117 -12.36 13.57 25.69
C LEU A 117 -11.47 13.89 26.92
N ALA A 118 -10.72 15.00 26.80
CA ALA A 118 -9.72 15.42 27.76
C ALA A 118 -10.36 16.03 29.01
N GLY A 119 -9.66 16.03 30.14
CA GLY A 119 -10.09 16.79 31.29
C GLY A 119 -11.22 16.21 32.10
N THR A 120 -11.59 14.95 31.83
CA THR A 120 -12.52 14.21 32.68
C THR A 120 -12.09 12.77 32.91
N ASP A 121 -12.47 12.24 34.08
CA ASP A 121 -12.32 10.83 34.39
C ASP A 121 -13.46 10.00 33.74
N ALA A 122 -14.56 10.63 33.34
CA ALA A 122 -15.59 9.90 32.57
C ALA A 122 -15.02 9.31 31.27
N LEU A 123 -15.48 8.11 30.90
CA LEU A 123 -15.07 7.46 29.63
C LEU A 123 -15.91 7.91 28.43
N GLN A 124 -15.50 9.02 27.82
CA GLN A 124 -16.23 9.58 26.72
C GLN A 124 -15.36 9.50 25.46
N LEU A 125 -15.90 8.88 24.42
CA LEU A 125 -15.13 8.63 23.21
C LEU A 125 -15.77 9.27 21.98
N ARG A 126 -14.91 9.81 21.13
CA ARG A 126 -15.33 10.26 19.83
C ARG A 126 -14.43 9.63 18.79
N ILE A 127 -15.08 8.98 17.81
CA ILE A 127 -14.45 8.32 16.70
C ILE A 127 -14.82 9.03 15.40
N TYR A 128 -13.86 9.15 14.48
CA TYR A 128 -14.03 9.76 13.17
C TYR A 128 -13.66 8.78 12.04
N ALA A 129 -14.53 8.68 11.03
CA ALA A 129 -14.32 7.75 9.90
C ALA A 129 -15.10 8.33 8.73
N GLN A 130 -15.07 7.69 7.55
CA GLN A 130 -15.64 8.27 6.31
C GLN A 130 -16.76 7.37 5.77
N LYS A 131 -17.97 7.92 5.70
CA LYS A 131 -19.12 7.20 5.17
C LYS A 131 -18.99 6.96 3.65
N PRO A 132 -19.84 6.09 3.06
CA PRO A 132 -19.81 5.85 1.60
C PRO A 132 -20.10 7.08 0.74
N ASP A 133 -20.82 8.07 1.28
CA ASP A 133 -20.97 9.37 0.59
C ASP A 133 -19.74 10.27 0.70
N ASN A 134 -18.67 9.77 1.30
CA ASN A 134 -17.42 10.51 1.42
C ASN A 134 -17.43 11.61 2.47
N THR A 135 -18.48 11.68 3.31
CA THR A 135 -18.46 12.64 4.45
C THR A 135 -17.72 12.05 5.66
N ILE A 136 -17.10 12.91 6.45
CA ILE A 136 -16.48 12.53 7.71
C ILE A 136 -17.59 12.52 8.80
N GLN A 137 -17.80 11.37 9.42
CA GLN A 137 -18.78 11.22 10.50
C GLN A 137 -18.13 10.95 11.87
N GLU A 138 -18.58 11.72 12.87
CA GLU A 138 -18.24 11.48 14.28
C GLU A 138 -19.16 10.44 14.90
N TYR A 139 -18.60 9.44 15.60
CA TYR A 139 -19.38 8.41 16.32
C TYR A 139 -19.04 8.55 17.79
N MET A 140 -20.06 8.62 18.65
CA MET A 140 -19.91 9.00 20.07
C MET A 140 -20.25 7.88 21.03
N TRP A 141 -19.48 7.80 22.11
CA TRP A 141 -19.82 7.03 23.28
C TRP A 141 -19.78 7.92 24.49
N ASN A 142 -20.92 8.04 25.17
CA ASN A 142 -21.01 8.75 26.44
C ASN A 142 -21.59 7.84 27.53
N GLY A 143 -21.31 6.54 27.45
CA GLY A 143 -21.55 5.62 28.56
C GLY A 143 -22.83 4.81 28.50
N ASP A 144 -23.67 5.11 27.52
CA ASP A 144 -24.94 4.44 27.35
C ASP A 144 -25.28 4.25 25.87
N GLY A 145 -24.39 3.61 25.12
CA GLY A 145 -24.66 3.28 23.74
C GLY A 145 -23.96 4.13 22.70
N TRP A 146 -23.36 3.45 21.71
CA TRP A 146 -22.76 4.11 20.55
C TRP A 146 -23.80 4.75 19.70
N LYS A 147 -23.56 6.00 19.31
CA LYS A 147 -24.48 6.72 18.45
C LYS A 147 -23.73 7.66 17.54
N GLU A 148 -24.39 8.05 16.45
CA GLU A 148 -23.81 8.97 15.53
C GLU A 148 -23.86 10.36 16.15
N GLY A 149 -22.80 11.12 15.94
CA GLY A 149 -22.63 12.46 16.47
C GLY A 149 -22.71 13.42 15.31
N THR A 150 -21.86 14.45 15.29
CA THR A 150 -21.89 15.45 14.26
C THR A 150 -21.25 14.95 12.96
N ASN A 151 -21.92 15.23 11.85
CA ASN A 151 -21.34 15.05 10.55
C ASN A 151 -20.53 16.27 10.14
N LEU A 152 -19.31 16.01 9.69
CA LEU A 152 -18.40 17.08 9.41
C LEU A 152 -18.22 17.38 7.94
N GLY A 153 -19.09 16.84 7.08
CA GLY A 153 -19.07 17.21 5.66
C GLY A 153 -18.03 16.51 4.80
N GLY A 154 -17.94 16.94 3.56
CA GLY A 154 -17.17 16.26 2.53
C GLY A 154 -15.65 16.20 2.71
N ALA A 155 -15.06 15.08 2.32
CA ALA A 155 -13.60 14.92 2.28
C ALA A 155 -13.18 14.07 1.06
N LEU A 156 -11.88 14.15 0.77
CA LEU A 156 -11.28 13.33 -0.27
C LEU A 156 -11.55 11.86 0.08
N PRO A 157 -12.11 11.07 -0.83
CA PRO A 157 -12.28 9.66 -0.52
C PRO A 157 -10.95 8.96 -0.18
N GLY A 158 -10.91 8.32 0.98
CA GLY A 158 -9.69 7.67 1.50
C GLY A 158 -8.79 8.58 2.33
N THR A 159 -9.29 9.78 2.65
CA THR A 159 -8.47 10.75 3.34
C THR A 159 -7.97 10.09 4.61
N GLY A 160 -6.73 10.39 4.98
CA GLY A 160 -6.24 10.20 6.37
C GLY A 160 -7.04 11.11 7.30
N ILE A 161 -7.16 10.73 8.57
CA ILE A 161 -7.80 11.54 9.59
C ILE A 161 -6.94 11.55 10.87
N GLY A 162 -6.60 12.74 11.34
CA GLY A 162 -5.85 12.90 12.59
C GLY A 162 -6.83 13.53 13.56
N ALA A 163 -6.64 13.35 14.85
CA ALA A 163 -7.51 13.92 15.86
C ALA A 163 -6.82 14.06 17.23
N THR A 164 -7.18 15.11 17.96
CA THR A 164 -6.69 15.30 19.33
C THR A 164 -7.75 16.00 20.18
N SER A 165 -7.73 15.73 21.47
CA SER A 165 -8.64 16.41 22.43
C SER A 165 -7.77 16.98 23.53
N PHE A 166 -8.08 18.21 23.94
CA PHE A 166 -7.40 18.83 25.04
C PHE A 166 -8.43 19.66 25.80
N ARG A 167 -8.14 20.01 27.04
CA ARG A 167 -9.02 20.87 27.79
C ARG A 167 -8.21 22.04 28.32
N TYR A 168 -8.52 23.23 27.86
CA TYR A 168 -7.88 24.43 28.42
C TYR A 168 -8.13 24.47 29.93
N THR A 169 -7.16 24.92 30.71
CA THR A 169 -7.28 24.81 32.15
C THR A 169 -8.29 25.82 32.74
N ASP A 170 -8.67 26.83 31.95
CA ASP A 170 -9.65 27.81 32.34
C ASP A 170 -11.04 27.52 31.78
N TYR A 171 -11.19 26.44 31.04
CA TYR A 171 -12.45 26.14 30.38
C TYR A 171 -13.17 25.07 31.19
N ASN A 172 -14.49 25.07 31.05
CA ASN A 172 -15.37 24.12 31.72
C ASN A 172 -15.63 22.80 30.97
N GLY A 173 -15.02 22.59 29.80
CA GLY A 173 -15.31 21.41 28.95
C GLY A 173 -14.16 21.10 27.97
N PRO A 174 -14.25 19.94 27.28
CA PRO A 174 -13.22 19.50 26.31
C PRO A 174 -13.28 20.17 24.94
N SER A 175 -12.11 20.36 24.35
CA SER A 175 -11.96 20.79 22.94
C SER A 175 -11.46 19.64 22.10
N ILE A 176 -11.91 19.63 20.85
CA ILE A 176 -11.49 18.64 19.87
C ILE A 176 -10.97 19.37 18.61
N ARG A 177 -9.90 18.85 18.02
CA ARG A 177 -9.42 19.27 16.73
C ARG A 177 -9.27 18.04 15.85
N ILE A 178 -9.70 18.11 14.59
CA ILE A 178 -9.41 17.06 13.63
C ILE A 178 -8.76 17.62 12.34
N TRP A 179 -8.06 16.75 11.63
CA TRP A 179 -7.48 17.10 10.36
C TRP A 179 -7.77 16.01 9.33
N PHE A 180 -8.09 16.44 8.11
CA PHE A 180 -8.24 15.57 6.99
C PHE A 180 -7.91 16.36 5.70
N GLN A 181 -8.01 15.69 4.56
CA GLN A 181 -7.70 16.25 3.26
C GLN A 181 -9.01 16.44 2.47
N THR A 182 -9.09 17.47 1.67
CA THR A 182 -10.29 17.71 0.87
C THR A 182 -10.04 17.45 -0.61
N ASP A 183 -11.08 17.53 -1.42
CA ASP A 183 -10.99 17.14 -2.84
C ASP A 183 -10.02 17.98 -3.64
N ASP A 184 -9.71 19.19 -3.17
CA ASP A 184 -8.71 20.05 -3.81
C ASP A 184 -7.30 19.64 -3.39
N LEU A 185 -7.22 18.59 -2.56
CA LEU A 185 -5.96 17.99 -2.09
C LEU A 185 -5.31 18.72 -0.91
N LYS A 186 -5.91 19.83 -0.47
CA LYS A 186 -5.40 20.58 0.70
C LYS A 186 -5.58 19.75 1.95
N LEU A 187 -4.73 19.97 2.94
CA LEU A 187 -4.96 19.43 4.27
C LEU A 187 -5.54 20.55 5.11
N VAL A 188 -6.62 20.23 5.85
CA VAL A 188 -7.43 21.20 6.58
C VAL A 188 -7.73 20.76 8.04
N GLN A 189 -8.07 21.72 8.90
CA GLN A 189 -8.44 21.51 10.29
C GLN A 189 -9.91 21.82 10.48
N ARG A 190 -10.62 21.00 11.25
CA ARG A 190 -11.90 21.37 11.88
C ARG A 190 -11.76 21.37 13.44
N ALA A 191 -12.51 22.28 14.07
CA ALA A 191 -12.32 22.63 15.47
C ALA A 191 -13.66 22.64 16.24
N TYR A 192 -13.71 21.95 17.39
CA TYR A 192 -14.79 22.01 18.36
C TYR A 192 -14.29 22.69 19.64
N ASP A 193 -14.91 23.83 20.03
CA ASP A 193 -14.84 24.30 21.42
C ASP A 193 -16.26 24.19 22.11
N PRO A 194 -16.28 23.94 23.45
CA PRO A 194 -17.54 23.75 24.23
C PRO A 194 -18.55 24.93 24.19
N HIS A 195 -18.06 26.15 24.08
CA HIS A 195 -18.94 27.34 23.93
C HIS A 195 -19.26 27.69 22.51
N LYS A 196 -18.70 26.94 21.55
CA LYS A 196 -18.96 27.20 20.14
C LYS A 196 -19.51 26.06 19.33
N GLY A 197 -19.40 24.83 19.81
CA GLY A 197 -19.56 23.68 18.92
C GLY A 197 -18.52 23.72 17.79
N TRP A 198 -18.86 23.08 16.69
CA TRP A 198 -18.01 23.04 15.51
C TRP A 198 -17.96 24.38 14.85
N TYR A 199 -16.76 24.90 14.66
CA TYR A 199 -16.57 26.13 13.90
C TYR A 199 -17.04 25.86 12.49
N PRO A 200 -17.68 26.83 11.86
CA PRO A 200 -18.20 26.60 10.49
C PRO A 200 -17.15 26.47 9.39
N ASP A 201 -15.95 26.97 9.64
CA ASP A 201 -14.94 27.11 8.61
C ASP A 201 -13.82 26.06 8.69
N LEU A 202 -13.24 25.80 7.49
CA LEU A 202 -12.07 24.92 7.31
C LEU A 202 -10.83 25.81 7.38
N VAL A 203 -9.89 25.49 8.25
CA VAL A 203 -8.62 26.20 8.30
C VAL A 203 -7.57 25.31 7.67
N THR A 204 -6.89 25.84 6.64
CA THR A 204 -5.91 25.12 5.83
C THR A 204 -4.58 25.05 6.54
N ILE A 205 -4.04 23.84 6.72
CA ILE A 205 -2.69 23.67 7.27
C ILE A 205 -1.61 23.31 6.20
N PHE A 206 -2.01 22.96 4.99
CA PHE A 206 -1.07 22.69 3.90
C PHE A 206 -1.79 22.69 2.54
N ASP A 207 -1.16 23.30 1.54
CA ASP A 207 -1.85 23.60 0.28
C ASP A 207 -2.06 22.42 -0.68
N ARG A 208 -1.11 21.49 -0.77
CA ARG A 208 -1.26 20.33 -1.68
C ARG A 208 -0.45 19.17 -1.12
N ALA A 209 -1.13 18.08 -0.76
CA ALA A 209 -0.48 16.93 -0.15
C ALA A 209 -0.76 15.81 -1.09
N PRO A 210 0.04 14.74 -1.02
CA PRO A 210 -0.31 13.58 -1.85
C PRO A 210 -1.69 13.03 -1.53
N PRO A 211 -2.36 12.40 -2.53
CA PRO A 211 -3.72 11.90 -2.27
C PRO A 211 -3.72 10.72 -1.30
N ARG A 212 -4.68 10.71 -0.40
CA ARG A 212 -4.74 9.79 0.75
C ARG A 212 -3.48 9.69 1.66
N THR A 213 -2.66 10.72 1.67
CA THR A 213 -1.53 10.72 2.57
C THR A 213 -1.98 10.43 4.02
N ALA A 214 -1.12 9.74 4.76
CA ALA A 214 -1.30 9.52 6.19
C ALA A 214 -1.37 10.86 6.91
N ILE A 215 -2.23 10.93 7.94
CA ILE A 215 -2.33 12.13 8.80
C ILE A 215 -2.46 11.72 10.28
N ALA A 216 -1.57 12.21 11.13
CA ALA A 216 -1.53 11.88 12.55
C ALA A 216 -1.29 13.15 13.37
N ALA A 217 -1.95 13.28 14.53
CA ALA A 217 -1.91 14.51 15.33
C ALA A 217 -1.80 14.31 16.86
N THR A 218 -1.17 15.27 17.53
CA THR A 218 -1.13 15.27 19.01
C THR A 218 -1.26 16.70 19.56
N SER A 219 -1.52 16.82 20.85
CA SER A 219 -1.45 18.13 21.55
C SER A 219 -0.90 17.97 22.95
N PHE A 220 -0.34 19.04 23.50
CA PHE A 220 0.21 18.98 24.86
C PHE A 220 0.22 20.37 25.47
N GLY A 221 0.60 20.43 26.73
CA GLY A 221 0.78 21.68 27.41
C GLY A 221 -0.44 22.54 27.49
N ALA A 222 -1.62 21.95 27.70
CA ALA A 222 -2.82 22.74 27.85
C ALA A 222 -2.63 23.76 29.02
N GLY A 223 -2.86 25.05 28.77
CA GLY A 223 -2.85 26.10 29.82
C GLY A 223 -4.15 26.91 29.74
N ASN A 224 -4.13 28.12 30.30
CA ASN A 224 -5.23 29.02 30.22
C ASN A 224 -5.35 29.56 28.81
N SER A 225 -6.38 29.11 28.11
CA SER A 225 -6.64 29.52 26.75
C SER A 225 -5.41 29.36 25.83
N SER A 226 -4.62 28.33 26.09
CA SER A 226 -3.36 28.05 25.42
C SER A 226 -3.23 26.55 25.18
N ILE A 227 -2.62 26.20 24.07
CA ILE A 227 -2.37 24.80 23.69
C ILE A 227 -1.20 24.73 22.71
N TYR A 228 -0.56 23.57 22.66
CA TYR A 228 0.47 23.20 21.65
C TYR A 228 -0.05 21.98 20.86
N MET A 229 0.06 22.04 19.54
CA MET A 229 -0.41 20.93 18.69
C MET A 229 0.64 20.65 17.62
N ARG A 230 0.75 19.38 17.25
CA ARG A 230 1.69 18.97 16.20
C ARG A 230 0.92 18.08 15.25
N ILE A 231 0.92 18.41 13.94
CA ILE A 231 0.34 17.55 12.91
C ILE A 231 1.39 17.02 11.88
N TYR A 232 1.25 15.74 11.54
CA TYR A 232 2.25 15.05 10.71
C TYR A 232 1.55 14.33 9.54
N PHE A 233 2.18 14.38 8.37
CA PHE A 233 1.67 13.74 7.15
C PHE A 233 2.88 13.34 6.32
N VAL A 234 2.70 12.42 5.37
CA VAL A 234 3.76 12.02 4.44
C VAL A 234 3.68 12.89 3.19
N ASN A 235 4.72 13.71 2.97
CA ASN A 235 4.70 14.67 1.85
C ASN A 235 5.19 14.02 0.58
N SER A 236 5.21 14.78 -0.52
CA SER A 236 5.54 14.21 -1.82
C SER A 236 7.06 13.94 -2.00
N ASP A 237 7.88 14.32 -1.01
CA ASP A 237 9.30 14.03 -1.01
C ASP A 237 9.57 12.73 -0.25
N ASN A 238 8.53 11.94 0.03
CA ASN A 238 8.66 10.69 0.84
C ASN A 238 9.33 10.89 2.21
N THR A 239 8.94 11.99 2.85
CA THR A 239 9.31 12.26 4.24
C THR A 239 8.04 12.65 4.97
N ILE A 240 8.03 12.40 6.26
CA ILE A 240 7.00 12.95 7.15
C ILE A 240 7.31 14.42 7.37
N TRP A 241 6.29 15.26 7.13
CA TRP A 241 6.34 16.68 7.53
C TRP A 241 5.56 16.97 8.78
N GLN A 242 5.91 18.10 9.41
CA GLN A 242 5.37 18.50 10.72
C GLN A 242 4.84 19.91 10.61
N VAL A 243 3.60 20.09 11.02
CA VAL A 243 3.01 21.41 11.13
C VAL A 243 2.85 21.74 12.63
N CYS A 244 3.44 22.87 13.06
CA CYS A 244 3.43 23.32 14.46
C CYS A 244 2.44 24.45 14.81
N TRP A 245 1.60 24.18 15.80
CA TRP A 245 0.84 25.22 16.51
C TRP A 245 1.45 25.45 17.86
N ASP A 246 1.92 26.66 18.09
CA ASP A 246 2.46 27.02 19.38
C ASP A 246 1.68 28.18 19.92
N HIS A 247 1.25 28.07 21.17
CA HIS A 247 0.55 29.17 21.80
C HIS A 247 1.23 30.47 21.59
N GLY A 248 0.48 31.44 21.08
CA GLY A 248 1.00 32.80 20.87
C GLY A 248 1.70 33.03 19.52
N LYS A 249 1.85 31.96 18.74
CA LYS A 249 2.45 31.99 17.40
C LYS A 249 1.51 31.38 16.35
N GLY A 250 0.55 30.58 16.79
CA GLY A 250 -0.37 29.96 15.85
C GLY A 250 0.39 28.94 15.00
N TYR A 251 -0.19 28.65 13.83
CA TYR A 251 0.47 27.80 12.80
C TYR A 251 1.65 28.49 12.13
N HIS A 252 2.85 28.38 12.68
CA HIS A 252 3.95 29.23 12.31
C HIS A 252 5.15 28.52 11.74
N ASP A 253 5.07 27.19 11.64
CA ASP A 253 6.19 26.43 11.13
C ASP A 253 5.75 25.15 10.46
N LYS A 254 6.40 24.81 9.37
CA LYS A 254 6.22 23.48 8.76
C LYS A 254 7.47 23.06 8.01
N GLY A 255 7.78 21.79 8.11
CA GLY A 255 9.05 21.29 7.62
C GLY A 255 9.18 19.81 7.77
N THR A 256 10.19 19.27 7.10
CA THR A 256 10.41 17.84 7.08
C THR A 256 10.97 17.43 8.41
N ILE A 257 10.70 16.19 8.80
CA ILE A 257 11.20 15.57 10.02
C ILE A 257 12.10 14.35 9.74
N THR A 258 11.58 13.33 9.05
CA THR A 258 12.37 12.10 8.75
C THR A 258 11.87 11.34 7.53
N PRO A 259 12.78 10.69 6.76
CA PRO A 259 12.36 9.84 5.61
C PRO A 259 11.45 8.67 5.98
N VAL A 260 10.47 8.39 5.11
CA VAL A 260 9.67 7.16 5.24
C VAL A 260 9.60 6.43 3.91
N ILE A 261 9.06 5.19 3.91
CA ILE A 261 8.84 4.43 2.69
C ILE A 261 7.70 5.18 2.00
N GLN A 262 7.59 5.01 0.68
CA GLN A 262 6.45 5.47 -0.10
C GLN A 262 5.15 4.94 0.50
N GLY A 263 4.23 5.81 0.85
CA GLY A 263 2.94 5.35 1.36
C GLY A 263 2.97 4.91 2.83
N SER A 264 4.03 5.28 3.57
CA SER A 264 4.05 4.91 5.00
C SER A 264 2.85 5.53 5.73
N GLU A 265 2.33 4.75 6.65
CA GLU A 265 1.41 5.26 7.65
C GLU A 265 2.25 5.86 8.83
N VAL A 266 1.57 6.57 9.72
CA VAL A 266 2.21 7.41 10.72
C VAL A 266 1.36 7.43 11.99
N ALA A 267 2.04 7.27 13.15
CA ALA A 267 1.41 7.49 14.47
C ALA A 267 2.26 8.41 15.37
N ILE A 268 1.61 9.12 16.27
CA ILE A 268 2.28 10.08 17.16
C ILE A 268 1.71 9.97 18.57
N ILE A 269 2.62 10.07 19.56
CA ILE A 269 2.28 10.23 21.00
C ILE A 269 3.13 11.38 21.62
N SER A 270 2.68 11.97 22.73
CA SER A 270 3.46 13.02 23.38
C SER A 270 3.15 13.03 24.86
N TRP A 271 4.09 13.52 25.66
CA TRP A 271 3.82 13.75 27.07
C TRP A 271 4.65 14.92 27.49
N GLY A 272 4.26 15.56 28.59
CA GLY A 272 5.01 16.68 29.18
C GLY A 272 4.60 18.01 28.57
N SER A 273 5.44 19.02 28.80
CA SER A 273 5.21 20.38 28.37
C SER A 273 6.52 21.19 28.33
N PHE A 274 6.51 22.28 27.60
CA PHE A 274 7.66 23.21 27.58
C PHE A 274 7.95 23.82 28.95
N ALA A 275 6.89 24.12 29.71
CA ALA A 275 7.06 24.69 31.06
C ALA A 275 7.75 23.72 32.04
N ASN A 276 7.65 22.41 31.82
CA ASN A 276 8.21 21.42 32.73
C ASN A 276 9.23 20.50 32.06
N ASN A 277 10.22 21.09 31.39
CA ASN A 277 11.32 20.35 30.76
C ASN A 277 10.89 19.25 29.81
N GLY A 278 9.87 19.54 29.01
CA GLY A 278 9.42 18.66 27.94
C GLY A 278 9.09 19.53 26.76
N PRO A 279 8.21 19.07 25.86
CA PRO A 279 7.58 17.78 25.86
C PRO A 279 8.51 16.63 25.37
N ASP A 280 8.03 15.40 25.47
CA ASP A 280 8.55 14.30 24.67
C ASP A 280 7.63 14.00 23.52
N LEU A 281 8.22 13.75 22.35
CA LEU A 281 7.47 13.27 21.18
C LEU A 281 8.05 11.95 20.67
N ARG A 282 7.14 11.07 20.22
CA ARG A 282 7.46 9.80 19.60
C ARG A 282 6.59 9.56 18.36
N LEU A 283 7.25 9.47 17.20
CA LEU A 283 6.60 9.03 15.97
C LEU A 283 6.97 7.58 15.65
N TYR A 284 6.09 6.92 14.91
CA TYR A 284 6.24 5.55 14.50
C TYR A 284 5.75 5.50 13.05
N PHE A 285 6.49 4.73 12.23
CA PHE A 285 6.37 4.73 10.78
C PHE A 285 7.22 3.58 10.25
N GLN A 286 7.16 3.35 8.94
CA GLN A 286 8.07 2.43 8.24
C GLN A 286 8.98 3.30 7.34
N ASN A 287 10.31 3.15 7.52
CA ASN A 287 11.27 3.87 6.71
C ASN A 287 12.19 2.93 5.93
N GLY A 288 11.87 1.63 6.01
CA GLY A 288 12.58 0.56 5.31
C GLY A 288 13.65 -0.20 6.06
N THR A 289 13.68 -0.10 7.40
CA THR A 289 14.64 -0.81 8.22
C THR A 289 14.23 -2.29 8.23
N TYR A 290 15.20 -3.17 7.97
CA TYR A 290 14.90 -4.58 7.65
C TYR A 290 13.68 -4.72 6.70
N ILE A 291 13.58 -3.79 5.75
CA ILE A 291 12.47 -3.71 4.76
C ILE A 291 11.13 -3.25 5.34
N SER A 292 10.57 -4.07 6.23
CA SER A 292 9.18 -3.89 6.69
C SER A 292 9.02 -3.59 8.18
N ALA A 293 10.11 -3.39 8.89
CA ALA A 293 10.03 -3.05 10.34
C ALA A 293 9.45 -1.69 10.58
N VAL A 294 8.88 -1.51 11.77
CA VAL A 294 8.41 -0.20 12.22
C VAL A 294 9.57 0.44 12.96
N SER A 295 9.79 1.73 12.69
CA SER A 295 10.85 2.52 13.27
C SER A 295 10.27 3.67 14.07
N GLU A 296 11.09 4.25 14.92
CA GLU A 296 10.68 5.32 15.86
C GLU A 296 11.51 6.56 15.70
N TRP A 297 10.86 7.71 15.80
CA TRP A 297 11.52 9.03 15.92
C TRP A 297 11.26 9.66 17.26
N VAL A 298 12.30 10.34 17.79
CA VAL A 298 12.29 10.92 19.13
C VAL A 298 12.52 12.45 19.14
N TRP A 299 11.66 13.18 19.85
CA TRP A 299 11.97 14.55 20.27
C TRP A 299 11.89 14.68 21.79
N ASN A 300 12.99 15.17 22.36
CA ASN A 300 13.05 15.59 23.77
C ASN A 300 13.92 16.84 23.97
N ARG A 301 13.95 17.34 25.20
CA ARG A 301 14.63 18.62 25.49
C ARG A 301 16.14 18.48 25.49
N ALA A 302 16.62 17.30 25.88
CA ALA A 302 18.05 17.06 26.03
C ALA A 302 18.79 17.08 24.68
N HIS A 303 18.28 16.32 23.70
CA HIS A 303 18.99 16.12 22.44
C HIS A 303 18.18 16.33 21.21
N GLY A 304 16.97 16.86 21.40
CA GLY A 304 16.20 17.35 20.31
C GLY A 304 15.81 16.24 19.38
N SER A 305 15.89 16.53 18.10
CA SER A 305 15.34 15.68 17.08
C SER A 305 16.29 14.52 16.81
N GLN A 306 15.83 13.28 16.95
CA GLN A 306 16.65 12.12 16.58
C GLN A 306 15.86 10.81 16.38
N LEU A 307 16.52 9.83 15.78
CA LEU A 307 15.90 8.56 15.53
C LEU A 307 16.00 7.76 16.81
N GLY A 308 14.92 7.08 17.18
CA GLY A 308 14.88 6.24 18.38
C GLY A 308 15.08 4.81 17.98
N ARG A 309 14.30 3.91 18.55
CA ARG A 309 14.35 2.49 18.18
C ARG A 309 14.33 2.21 16.64
N SER A 310 15.37 1.54 16.18
CA SER A 310 15.62 1.32 14.78
C SER A 310 14.56 0.40 14.18
N ALA A 311 14.25 -0.67 14.93
CA ALA A 311 13.28 -1.67 14.53
C ALA A 311 12.49 -2.16 15.76
N LEU A 312 11.20 -1.91 15.79
CA LEU A 312 10.34 -2.29 16.93
C LEU A 312 10.16 -3.79 16.95
N PRO A 313 9.95 -4.39 18.14
CA PRO A 313 9.53 -5.78 18.13
C PRO A 313 8.30 -5.91 17.22
N PRO A 314 8.18 -7.04 16.52
CA PRO A 314 8.95 -8.28 16.67
C PRO A 314 10.24 -8.40 15.83
N ALA A 315 10.71 -7.29 15.28
CA ALA A 315 11.84 -7.30 14.37
C ALA A 315 13.12 -7.61 15.10
N SER B 2 -13.35 12.52 -7.23
CA SER B 2 -13.46 11.09 -7.67
C SER B 2 -14.77 10.80 -8.40
N THR B 3 -15.06 9.52 -8.64
CA THR B 3 -16.33 9.08 -9.24
C THR B 3 -16.65 7.81 -8.52
N PRO B 4 -17.92 7.43 -8.50
CA PRO B 4 -18.26 6.19 -7.82
C PRO B 4 -17.52 4.98 -8.39
N GLY B 5 -17.27 5.00 -9.68
CA GLY B 5 -16.60 3.91 -10.34
C GLY B 5 -15.17 3.79 -9.88
N ALA B 6 -14.45 4.91 -9.88
CA ALA B 6 -13.04 4.93 -9.49
C ALA B 6 -12.84 4.48 -8.04
N GLN B 7 -13.80 4.82 -7.18
CA GLN B 7 -13.75 4.43 -5.76
C GLN B 7 -13.71 2.93 -5.54
N GLN B 8 -14.17 2.16 -6.51
CA GLN B 8 -14.20 0.71 -6.36
C GLN B 8 -12.82 0.07 -6.58
N VAL B 9 -11.86 0.81 -7.13
CA VAL B 9 -10.53 0.31 -7.45
C VAL B 9 -9.65 0.38 -6.20
N LEU B 10 -8.97 -0.71 -5.86
CA LEU B 10 -8.19 -0.74 -4.66
C LEU B 10 -7.00 0.18 -4.81
N PHE B 11 -6.79 1.06 -3.83
CA PHE B 11 -5.61 1.97 -3.79
C PHE B 11 -4.35 1.08 -3.70
N ARG B 12 -3.46 1.19 -4.69
CA ARG B 12 -2.21 0.38 -4.78
C ARG B 12 -2.50 -1.09 -5.14
N THR B 13 -3.59 -1.31 -5.88
CA THR B 13 -3.94 -2.60 -6.44
C THR B 13 -2.79 -3.17 -7.29
N GLY B 14 -2.65 -4.50 -7.27
CA GLY B 14 -1.88 -5.16 -8.32
C GLY B 14 -2.55 -4.89 -9.67
N ILE B 15 -1.71 -4.75 -10.69
CA ILE B 15 -2.18 -4.52 -12.06
C ILE B 15 -1.47 -5.51 -12.96
N ALA B 16 -2.22 -6.04 -13.92
CA ALA B 16 -1.66 -6.85 -14.98
C ALA B 16 -2.39 -6.56 -16.28
N ALA B 17 -1.77 -6.93 -17.41
CA ALA B 17 -2.39 -6.69 -18.70
C ALA B 17 -1.85 -7.69 -19.72
N VAL B 18 -2.74 -8.05 -20.66
CA VAL B 18 -2.40 -8.87 -21.82
C VAL B 18 -2.98 -8.20 -23.09
N ASN B 19 -2.57 -8.68 -24.27
CA ASN B 19 -3.06 -8.12 -25.54
C ASN B 19 -2.75 -8.98 -26.72
N SER B 20 -3.50 -8.77 -27.79
CA SER B 20 -3.09 -9.22 -29.11
C SER B 20 -3.04 -7.97 -29.95
N THR B 21 -1.85 -7.59 -30.40
CA THR B 21 -1.65 -6.24 -30.88
C THR B 21 -2.54 -5.26 -30.07
N ASN B 22 -3.42 -4.48 -30.72
CA ASN B 22 -4.19 -3.42 -30.01
C ASN B 22 -5.56 -3.85 -29.46
N HIS B 23 -5.73 -5.17 -29.29
CA HIS B 23 -6.86 -5.74 -28.55
C HIS B 23 -6.41 -6.03 -27.14
N LEU B 24 -6.84 -5.21 -26.18
CA LEU B 24 -6.24 -5.15 -24.85
C LEU B 24 -7.15 -5.64 -23.68
N ARG B 25 -6.54 -6.21 -22.62
CA ARG B 25 -7.22 -6.59 -21.36
C ARG B 25 -6.36 -6.16 -20.15
N VAL B 26 -7.03 -5.58 -19.14
CA VAL B 26 -6.33 -5.09 -17.95
C VAL B 26 -7.03 -5.64 -16.70
N TYR B 27 -6.25 -6.22 -15.77
CA TYR B 27 -6.80 -6.86 -14.58
C TYR B 27 -6.34 -6.11 -13.39
N PHE B 28 -7.24 -6.02 -12.39
CA PHE B 28 -6.99 -5.24 -11.17
C PHE B 28 -7.86 -5.75 -10.05
N GLN B 29 -7.62 -5.29 -8.82
CA GLN B 29 -8.39 -5.76 -7.66
C GLN B 29 -9.27 -4.64 -7.17
N ASP B 30 -10.55 -4.93 -6.92
CA ASP B 30 -11.43 -3.91 -6.34
C ASP B 30 -11.32 -3.90 -4.81
N VAL B 31 -12.01 -2.97 -4.16
CA VAL B 31 -11.87 -2.79 -2.71
C VAL B 31 -12.36 -3.97 -1.86
N TYR B 32 -13.13 -4.82 -2.49
CA TYR B 32 -13.63 -6.03 -1.84
C TYR B 32 -12.77 -7.24 -2.05
N GLY B 33 -11.75 -7.16 -2.86
CA GLY B 33 -10.88 -8.32 -3.01
C GLY B 33 -11.13 -9.09 -4.28
N SER B 34 -12.18 -8.71 -5.00
CA SER B 34 -12.48 -9.34 -6.28
C SER B 34 -11.56 -8.86 -7.38
N ILE B 35 -11.13 -9.78 -8.25
CA ILE B 35 -10.29 -9.45 -9.41
C ILE B 35 -11.19 -9.17 -10.61
N ARG B 36 -11.02 -7.99 -11.23
CA ARG B 36 -11.85 -7.56 -12.34
C ARG B 36 -11.07 -7.37 -13.66
N GLU B 37 -11.81 -7.43 -14.79
CA GLU B 37 -11.26 -7.20 -16.09
C GLU B 37 -11.87 -6.00 -16.82
N SER B 38 -10.99 -5.07 -17.21
CA SER B 38 -11.29 -3.99 -18.15
C SER B 38 -10.77 -4.40 -19.55
N LEU B 39 -11.48 -3.91 -20.58
CA LEU B 39 -11.32 -4.40 -21.95
C LEU B 39 -11.18 -3.22 -22.88
N TYR B 40 -10.33 -3.35 -23.91
CA TYR B 40 -10.28 -2.38 -25.04
C TYR B 40 -10.44 -3.11 -26.39
N GLU B 41 -11.58 -2.92 -27.04
CA GLU B 41 -11.84 -3.42 -28.39
C GLU B 41 -12.40 -2.25 -29.19
N GLY B 42 -11.54 -1.39 -29.70
CA GLY B 42 -11.98 -0.18 -30.39
C GLY B 42 -12.23 0.94 -29.40
N SER B 43 -12.78 0.62 -28.23
CA SER B 43 -12.83 1.57 -27.13
C SER B 43 -12.79 0.86 -25.79
N TRP B 44 -12.74 1.62 -24.71
CA TRP B 44 -12.60 1.08 -23.35
C TRP B 44 -13.91 0.70 -22.76
N ALA B 45 -13.94 -0.40 -22.03
CA ALA B 45 -15.17 -0.85 -21.44
C ALA B 45 -14.90 -1.77 -20.25
N ASN B 46 -15.99 -2.10 -19.59
CA ASN B 46 -16.03 -3.07 -18.49
C ASN B 46 -15.36 -2.61 -17.18
N GLY B 47 -14.82 -3.55 -16.41
CA GLY B 47 -14.23 -3.24 -15.14
C GLY B 47 -15.22 -3.07 -14.00
N THR B 48 -16.46 -3.53 -14.20
CA THR B 48 -17.51 -3.36 -13.17
C THR B 48 -17.63 -4.64 -12.32
N GLU B 49 -18.65 -4.69 -11.46
CA GLU B 49 -18.89 -5.84 -10.60
C GLU B 49 -19.30 -7.08 -11.39
N LYS B 50 -19.76 -6.90 -12.63
CA LYS B 50 -20.12 -8.00 -13.52
C LYS B 50 -18.94 -8.46 -14.34
N ASN B 51 -17.78 -7.82 -14.17
CA ASN B 51 -16.61 -8.19 -14.94
C ASN B 51 -15.53 -8.84 -14.04
N VAL B 52 -15.99 -9.57 -13.04
CA VAL B 52 -15.14 -10.18 -12.01
C VAL B 52 -14.74 -11.57 -12.46
N ILE B 53 -13.45 -11.89 -12.48
CA ILE B 53 -12.99 -13.23 -12.86
C ILE B 53 -12.64 -14.11 -11.65
N GLY B 54 -12.78 -13.58 -10.43
CA GLY B 54 -12.52 -14.38 -9.24
C GLY B 54 -12.15 -13.50 -8.08
N ASN B 55 -11.76 -14.12 -6.98
CA ASN B 55 -11.35 -13.41 -5.76
C ASN B 55 -9.98 -13.84 -5.28
N ALA B 56 -9.32 -12.90 -4.63
CA ALA B 56 -7.98 -13.08 -4.11
C ALA B 56 -7.83 -12.31 -2.80
N LYS B 57 -6.81 -12.67 -2.02
CA LYS B 57 -6.64 -12.02 -0.72
C LYS B 57 -6.48 -10.54 -0.99
N LEU B 58 -7.06 -9.71 -0.11
CA LEU B 58 -6.84 -8.26 -0.25
C LEU B 58 -5.34 -7.86 -0.29
N GLY B 59 -4.97 -7.06 -1.28
CA GLY B 59 -3.58 -6.64 -1.46
C GLY B 59 -2.75 -7.66 -2.25
N SER B 60 -3.41 -8.68 -2.83
CA SER B 60 -2.72 -9.71 -3.57
C SER B 60 -1.93 -9.14 -4.77
N PRO B 61 -0.78 -9.75 -5.11
CA PRO B 61 -0.23 -9.44 -6.42
C PRO B 61 -1.20 -9.92 -7.51
N VAL B 62 -1.13 -9.30 -8.67
CA VAL B 62 -1.89 -9.72 -9.85
C VAL B 62 -0.95 -9.79 -11.05
N ALA B 63 -0.85 -10.97 -11.67
CA ALA B 63 -0.02 -11.20 -12.85
C ALA B 63 -0.89 -11.87 -13.90
N ALA B 64 -0.63 -11.62 -15.19
CA ALA B 64 -1.38 -12.24 -16.30
C ALA B 64 -0.48 -12.42 -17.49
N THR B 65 -0.62 -13.55 -18.17
CA THR B 65 0.06 -13.77 -19.43
C THR B 65 -0.92 -14.37 -20.45
N SER B 66 -0.56 -14.31 -21.73
CA SER B 66 -1.47 -14.78 -22.75
C SER B 66 -0.74 -15.26 -24.01
N LYS B 67 -1.48 -16.01 -24.84
CA LYS B 67 -1.10 -16.35 -26.21
C LYS B 67 -2.15 -15.61 -27.02
N GLU B 68 -1.74 -14.44 -27.53
CA GLU B 68 -2.67 -13.47 -28.04
C GLU B 68 -3.80 -13.29 -27.04
N LEU B 69 -5.06 -13.27 -27.50
CA LEU B 69 -6.21 -13.32 -26.58
C LEU B 69 -6.98 -14.66 -26.66
N LYS B 70 -6.30 -15.69 -27.16
CA LYS B 70 -6.87 -17.04 -27.28
C LYS B 70 -6.77 -17.81 -26.00
N HIS B 71 -5.72 -17.54 -25.20
CA HIS B 71 -5.52 -18.16 -23.90
C HIS B 71 -4.93 -17.12 -22.96
N ILE B 72 -5.63 -16.86 -21.83
CA ILE B 72 -5.18 -15.88 -20.82
C ILE B 72 -5.12 -16.61 -19.49
N ARG B 73 -4.03 -16.43 -18.76
CA ARG B 73 -3.95 -16.94 -17.38
C ARG B 73 -3.67 -15.78 -16.43
N VAL B 74 -4.45 -15.68 -15.33
CA VAL B 74 -4.31 -14.63 -14.28
C VAL B 74 -3.99 -15.27 -12.92
N TYR B 75 -2.90 -14.80 -12.29
CA TYR B 75 -2.34 -15.43 -11.11
C TYR B 75 -2.38 -14.47 -9.91
N THR B 76 -2.82 -15.00 -8.77
CA THR B 76 -3.01 -14.25 -7.52
C THR B 76 -2.76 -15.15 -6.32
N LEU B 77 -2.80 -14.59 -5.11
CA LEU B 77 -2.71 -15.42 -3.88
C LEU B 77 -4.04 -15.64 -3.22
N THR B 78 -4.26 -16.88 -2.78
CA THR B 78 -5.40 -17.20 -1.91
C THR B 78 -5.19 -16.59 -0.53
N GLU B 79 -6.23 -16.66 0.31
CA GLU B 79 -6.12 -16.22 1.69
C GLU B 79 -5.09 -17.03 2.48
N GLY B 80 -4.87 -18.27 2.06
CA GLY B 80 -3.93 -19.18 2.72
C GLY B 80 -2.57 -19.11 2.09
N ASN B 81 -2.36 -18.09 1.27
CA ASN B 81 -1.05 -17.80 0.70
C ASN B 81 -0.52 -18.91 -0.19
N THR B 82 -1.46 -19.49 -0.91
CA THR B 82 -1.14 -20.38 -2.01
C THR B 82 -1.35 -19.69 -3.35
N LEU B 83 -0.60 -20.13 -4.35
CA LEU B 83 -0.73 -19.63 -5.71
C LEU B 83 -2.04 -20.14 -6.30
N GLN B 84 -2.73 -19.30 -7.07
CA GLN B 84 -3.95 -19.74 -7.77
C GLN B 84 -4.00 -19.11 -9.13
N GLU B 85 -4.96 -19.55 -9.94
CA GLU B 85 -4.99 -19.26 -11.37
C GLU B 85 -6.42 -19.11 -11.92
N PHE B 86 -6.74 -18.02 -12.57
CA PHE B 86 -8.00 -17.96 -13.31
C PHE B 86 -7.70 -18.08 -14.81
N ALA B 87 -8.30 -19.07 -15.48
CA ALA B 87 -7.97 -19.37 -16.86
C ALA B 87 -9.07 -18.99 -17.82
N TYR B 88 -8.68 -18.31 -18.90
CA TYR B 88 -9.52 -18.10 -20.06
C TYR B 88 -9.02 -18.86 -21.30
N ASP B 89 -9.86 -19.72 -21.88
CA ASP B 89 -9.61 -20.32 -23.20
C ASP B 89 -10.73 -19.89 -24.16
N SER B 90 -10.33 -19.32 -25.31
CA SER B 90 -11.24 -18.99 -26.42
C SER B 90 -12.19 -20.16 -26.73
N GLY B 91 -13.51 -19.93 -26.66
CA GLY B 91 -14.50 -21.00 -26.86
C GLY B 91 -14.66 -21.96 -25.67
N THR B 92 -14.08 -21.60 -24.52
CA THR B 92 -14.37 -22.29 -23.25
C THR B 92 -14.86 -21.33 -22.18
N GLY B 93 -14.29 -20.13 -22.12
CA GLY B 93 -14.65 -19.15 -21.12
C GLY B 93 -13.72 -19.20 -19.93
N TRP B 94 -14.09 -18.47 -18.88
CA TRP B 94 -13.33 -18.45 -17.61
C TRP B 94 -13.64 -19.63 -16.76
N TYR B 95 -12.61 -20.20 -16.16
CA TYR B 95 -12.78 -21.21 -15.13
C TYR B 95 -11.60 -21.08 -14.17
N ASN B 96 -11.68 -21.87 -13.11
CA ASN B 96 -10.62 -21.98 -12.13
CA ASN B 96 -10.58 -21.97 -12.14
C ASN B 96 -9.53 -22.91 -12.66
N GLY B 97 -8.34 -22.38 -12.88
CA GLY B 97 -7.22 -23.22 -13.39
C GLY B 97 -6.66 -24.21 -12.37
N GLY B 98 -5.94 -25.22 -12.89
CA GLY B 98 -5.42 -26.28 -12.07
C GLY B 98 -4.37 -25.86 -11.05
N LEU B 99 -3.87 -24.63 -11.10
CA LEU B 99 -2.72 -24.31 -10.22
C LEU B 99 -3.07 -24.43 -8.76
N GLY B 100 -4.27 -23.96 -8.39
CA GLY B 100 -4.71 -23.87 -6.97
C GLY B 100 -4.69 -25.20 -6.28
N GLY B 101 -5.07 -26.23 -7.03
CA GLY B 101 -5.01 -27.61 -6.55
C GLY B 101 -3.65 -28.11 -6.19
N ALA B 102 -2.59 -27.51 -6.74
CA ALA B 102 -1.22 -27.91 -6.33
C ALA B 102 -0.75 -27.34 -4.96
N LYS B 103 -1.49 -26.36 -4.42
CA LYS B 103 -1.20 -25.80 -3.10
C LYS B 103 0.24 -25.38 -2.93
N PHE B 104 0.76 -24.60 -3.87
CA PHE B 104 2.12 -24.09 -3.77
C PHE B 104 2.15 -22.93 -2.76
N GLN B 105 2.75 -23.20 -1.62
CA GLN B 105 2.78 -22.26 -0.51
C GLN B 105 3.93 -21.27 -0.69
N VAL B 106 3.60 -19.98 -0.69
CA VAL B 106 4.60 -18.92 -0.85
C VAL B 106 4.52 -17.89 0.26
N ALA B 107 5.50 -16.98 0.33
CA ALA B 107 5.57 -15.97 1.39
C ALA B 107 4.36 -15.08 1.25
N PRO B 108 3.79 -14.66 2.39
CA PRO B 108 2.59 -13.85 2.33
C PRO B 108 2.76 -12.55 1.55
N TYR B 109 3.96 -11.98 1.62
CA TYR B 109 4.35 -10.80 0.88
C TYR B 109 4.89 -11.12 -0.52
N SER B 110 4.70 -12.36 -1.00
CA SER B 110 5.22 -12.74 -2.35
C SER B 110 4.54 -11.99 -3.47
N CYS B 111 5.33 -11.58 -4.47
CA CYS B 111 4.80 -11.17 -5.75
C CYS B 111 4.72 -12.37 -6.71
N ILE B 112 4.19 -12.16 -7.92
CA ILE B 112 4.07 -13.15 -8.97
C ILE B 112 4.40 -12.54 -10.35
N ALA B 113 5.07 -13.32 -11.17
CA ALA B 113 5.27 -13.04 -12.56
C ALA B 113 4.98 -14.34 -13.33
N ALA B 114 4.51 -14.19 -14.57
CA ALA B 114 4.09 -15.29 -15.39
C ALA B 114 4.41 -15.05 -16.89
N VAL B 115 4.77 -16.13 -17.57
CA VAL B 115 4.95 -16.12 -19.01
C VAL B 115 4.56 -17.45 -19.67
N PHE B 116 3.86 -17.33 -20.80
CA PHE B 116 3.76 -18.40 -21.78
C PHE B 116 5.08 -18.43 -22.56
N LEU B 117 5.72 -19.58 -22.60
CA LEU B 117 6.91 -19.74 -23.39
C LEU B 117 6.66 -19.42 -24.86
N ALA B 118 7.51 -18.57 -25.44
CA ALA B 118 7.37 -18.09 -26.81
C ALA B 118 7.76 -19.14 -27.84
N GLY B 119 7.22 -18.95 -29.04
CA GLY B 119 7.70 -19.65 -30.20
C GLY B 119 7.22 -21.07 -30.28
N THR B 120 6.35 -21.46 -29.36
CA THR B 120 5.61 -22.64 -29.62
C THR B 120 4.09 -22.41 -29.71
N ASP B 121 3.46 -23.43 -30.28
CA ASP B 121 2.02 -23.54 -30.37
C ASP B 121 1.48 -24.02 -29.01
N ALA B 122 2.24 -24.92 -28.38
CA ALA B 122 1.85 -25.58 -27.14
C ALA B 122 1.65 -24.56 -26.06
N LEU B 123 0.81 -24.87 -25.07
CA LEU B 123 0.69 -24.04 -23.89
C LEU B 123 1.69 -24.50 -22.85
N GLN B 124 2.81 -23.76 -22.78
CA GLN B 124 3.80 -23.96 -21.77
C GLN B 124 3.91 -22.71 -20.90
N LEU B 125 3.87 -22.93 -19.58
CA LEU B 125 3.87 -21.83 -18.59
C LEU B 125 5.00 -21.89 -17.57
N ARG B 126 5.51 -20.71 -17.24
CA ARG B 126 6.47 -20.55 -16.16
C ARG B 126 6.01 -19.44 -15.28
N ILE B 127 5.83 -19.76 -13.99
CA ILE B 127 5.38 -18.81 -12.98
C ILE B 127 6.52 -18.63 -11.98
N TYR B 128 6.73 -17.38 -11.58
CA TYR B 128 7.75 -17.09 -10.61
C TYR B 128 7.14 -16.40 -9.38
N ALA B 129 7.47 -16.89 -8.19
CA ALA B 129 7.00 -16.28 -6.94
C ALA B 129 8.06 -16.51 -5.85
N GLN B 130 7.79 -16.06 -4.65
CA GLN B 130 8.82 -16.08 -3.63
C GLN B 130 8.45 -16.98 -2.47
N LYS B 131 9.25 -18.00 -2.25
CA LYS B 131 8.99 -18.98 -1.19
C LYS B 131 9.18 -18.33 0.19
N PRO B 132 8.71 -19.00 1.27
CA PRO B 132 8.93 -18.45 2.62
C PRO B 132 10.41 -18.27 3.01
N ASP B 133 11.32 -18.99 2.34
CA ASP B 133 12.74 -18.83 2.63
C ASP B 133 13.32 -17.67 1.78
N ASN B 134 12.40 -16.92 1.16
CA ASN B 134 12.68 -15.70 0.37
C ASN B 134 13.43 -15.94 -0.96
N THR B 135 13.54 -17.23 -1.37
CA THR B 135 14.13 -17.55 -2.67
C THR B 135 13.05 -17.44 -3.75
N ILE B 136 13.46 -17.09 -4.97
CA ILE B 136 12.53 -17.05 -6.07
C ILE B 136 12.44 -18.43 -6.66
N GLN B 137 11.22 -18.97 -6.73
CA GLN B 137 10.95 -20.29 -7.25
C GLN B 137 10.15 -20.26 -8.57
N GLU B 138 10.57 -21.08 -9.51
CA GLU B 138 9.87 -21.22 -10.78
C GLU B 138 8.97 -22.40 -10.63
N TYR B 139 7.76 -22.24 -11.15
CA TYR B 139 6.72 -23.25 -11.15
C TYR B 139 6.35 -23.49 -12.63
N MET B 140 6.35 -24.76 -13.07
CA MET B 140 6.23 -25.15 -14.50
C MET B 140 4.94 -25.91 -14.84
N TRP B 141 4.43 -25.67 -16.03
CA TRP B 141 3.38 -26.47 -16.63
C TRP B 141 3.77 -26.68 -18.09
N ASN B 142 3.90 -27.95 -18.48
CA ASN B 142 4.32 -28.32 -19.82
C ASN B 142 3.34 -29.33 -20.41
N GLY B 143 2.04 -29.14 -20.16
CA GLY B 143 1.01 -30.08 -20.55
C GLY B 143 0.89 -31.35 -19.73
N ASP B 144 1.58 -31.46 -18.60
CA ASP B 144 1.57 -32.72 -17.84
C ASP B 144 1.63 -32.46 -16.35
N GLY B 145 0.75 -31.58 -15.88
CA GLY B 145 0.67 -31.25 -14.47
C GLY B 145 1.60 -30.14 -14.05
N TRP B 146 1.30 -29.53 -12.93
CA TRP B 146 2.17 -28.52 -12.34
C TRP B 146 3.33 -29.09 -11.60
N LYS B 147 4.50 -28.47 -11.70
CA LYS B 147 5.59 -28.85 -10.88
C LYS B 147 6.62 -27.72 -10.70
N GLU B 148 7.42 -27.83 -9.64
CA GLU B 148 8.50 -26.89 -9.42
C GLU B 148 9.59 -27.01 -10.47
N GLY B 149 9.99 -25.88 -11.02
CA GLY B 149 11.14 -25.81 -11.92
C GLY B 149 12.34 -25.39 -11.13
N THR B 150 13.13 -24.46 -11.68
CA THR B 150 14.40 -24.09 -11.10
C THR B 150 14.18 -23.04 -10.02
N ASN B 151 14.96 -23.15 -8.94
CA ASN B 151 15.08 -22.11 -7.94
C ASN B 151 16.21 -21.13 -8.36
N LEU B 152 15.96 -19.83 -8.28
CA LEU B 152 16.89 -18.84 -8.77
C LEU B 152 17.51 -18.03 -7.64
N GLY B 153 17.36 -18.50 -6.40
CA GLY B 153 18.11 -17.95 -5.26
C GLY B 153 17.42 -16.80 -4.52
N GLY B 154 18.10 -16.29 -3.51
CA GLY B 154 17.60 -15.22 -2.71
C GLY B 154 17.28 -13.87 -3.35
N ALA B 155 16.24 -13.23 -2.81
CA ALA B 155 15.84 -11.87 -3.20
C ALA B 155 15.28 -11.17 -1.98
N LEU B 156 15.20 -9.86 -2.06
CA LEU B 156 14.54 -9.05 -1.07
C LEU B 156 13.16 -9.59 -0.74
N PRO B 157 12.86 -9.78 0.56
CA PRO B 157 11.52 -10.20 0.95
C PRO B 157 10.48 -9.30 0.35
N GLY B 158 9.60 -9.83 -0.47
CA GLY B 158 8.51 -9.00 -1.03
C GLY B 158 8.92 -8.23 -2.28
N THR B 159 10.00 -8.70 -2.91
CA THR B 159 10.44 -8.17 -4.17
C THR B 159 9.34 -8.18 -5.22
N GLY B 160 9.29 -7.13 -6.03
CA GLY B 160 8.57 -7.16 -7.29
C GLY B 160 9.26 -8.15 -8.21
N ILE B 161 8.52 -8.67 -9.18
CA ILE B 161 9.07 -9.61 -10.21
C ILE B 161 8.50 -9.33 -11.59
N GLY B 162 9.38 -9.10 -12.56
CA GLY B 162 8.97 -8.93 -13.92
C GLY B 162 9.55 -10.08 -14.69
N ALA B 163 8.90 -10.48 -15.78
CA ALA B 163 9.32 -11.64 -16.57
C ALA B 163 8.87 -11.50 -18.01
N THR B 164 9.68 -12.02 -18.93
CA THR B 164 9.35 -12.05 -20.37
C THR B 164 9.93 -13.28 -21.05
N SER B 165 9.20 -13.81 -22.02
CA SER B 165 9.70 -14.88 -22.89
C SER B 165 9.67 -14.46 -24.37
N PHE B 166 10.76 -14.76 -25.04
CA PHE B 166 10.94 -14.49 -26.47
C PHE B 166 11.74 -15.67 -27.10
N ARG B 167 11.66 -15.79 -28.42
CA ARG B 167 12.35 -16.85 -29.14
C ARG B 167 13.23 -16.21 -30.22
N TYR B 168 14.53 -16.30 -30.05
CA TYR B 168 15.48 -15.90 -31.10
C TYR B 168 15.11 -16.73 -32.34
N THR B 169 14.99 -16.07 -33.49
CA THR B 169 14.41 -16.71 -34.66
C THR B 169 15.35 -17.74 -35.25
N ASP B 170 16.64 -17.65 -34.93
CA ASP B 170 17.61 -18.65 -35.35
C ASP B 170 17.72 -19.81 -34.37
N TYR B 171 16.88 -19.85 -33.33
CA TYR B 171 16.88 -20.92 -32.32
C TYR B 171 15.58 -21.69 -32.42
N ASN B 172 15.60 -22.94 -31.98
CA ASN B 172 14.44 -23.81 -32.00
C ASN B 172 13.80 -23.83 -30.63
N GLY B 173 14.12 -22.86 -29.78
CA GLY B 173 13.64 -22.89 -28.40
C GLY B 173 13.55 -21.54 -27.74
N PRO B 174 12.80 -21.44 -26.65
CA PRO B 174 12.53 -20.17 -25.99
C PRO B 174 13.60 -19.71 -25.03
N SER B 175 13.74 -18.38 -24.93
CA SER B 175 14.53 -17.75 -23.91
C SER B 175 13.61 -17.17 -22.83
N ILE B 176 14.14 -17.01 -21.62
CA ILE B 176 13.43 -16.34 -20.56
C ILE B 176 14.34 -15.33 -19.87
N ARG B 177 13.78 -14.16 -19.56
CA ARG B 177 14.45 -13.16 -18.72
C ARG B 177 13.51 -12.81 -17.55
N ILE B 178 14.11 -12.73 -16.35
CA ILE B 178 13.38 -12.30 -15.13
C ILE B 178 14.19 -11.27 -14.40
N TRP B 179 13.46 -10.32 -13.81
CA TRP B 179 14.00 -9.25 -13.01
C TRP B 179 13.35 -9.19 -11.65
N PHE B 180 14.17 -8.91 -10.65
CA PHE B 180 13.73 -8.82 -9.27
C PHE B 180 14.74 -8.01 -8.51
N GLN B 181 14.49 -7.80 -7.22
CA GLN B 181 15.33 -6.99 -6.37
C GLN B 181 16.00 -7.85 -5.34
N THR B 182 17.31 -7.65 -5.18
CA THR B 182 18.11 -8.43 -4.24
C THR B 182 18.21 -7.77 -2.88
N ASP B 183 18.77 -8.50 -1.94
CA ASP B 183 18.88 -8.12 -0.55
C ASP B 183 19.70 -6.84 -0.37
N ASP B 184 20.52 -6.50 -1.35
CA ASP B 184 21.28 -5.27 -1.31
C ASP B 184 20.50 -4.10 -1.92
N LEU B 185 19.24 -4.32 -2.29
CA LEU B 185 18.35 -3.29 -2.88
C LEU B 185 18.60 -2.96 -4.39
N LYS B 186 19.54 -3.69 -5.00
CA LYS B 186 19.80 -3.58 -6.43
C LYS B 186 18.65 -4.23 -7.20
N LEU B 187 18.54 -3.83 -8.46
CA LEU B 187 17.63 -4.50 -9.35
C LEU B 187 18.48 -5.31 -10.32
N VAL B 188 18.16 -6.60 -10.43
CA VAL B 188 18.92 -7.54 -11.21
C VAL B 188 18.12 -8.33 -12.22
N GLN B 189 18.86 -8.80 -13.25
CA GLN B 189 18.38 -9.74 -14.26
C GLN B 189 18.95 -11.17 -14.07
N ARG B 190 18.07 -12.18 -14.15
CA ARG B 190 18.53 -13.54 -14.49
C ARG B 190 18.02 -13.97 -15.89
N ALA B 191 18.76 -14.88 -16.51
CA ALA B 191 18.59 -15.20 -17.93
C ALA B 191 18.63 -16.72 -18.21
N TYR B 192 17.67 -17.14 -19.01
CA TYR B 192 17.62 -18.47 -19.54
C TYR B 192 17.64 -18.42 -21.07
N ASP B 193 18.64 -19.09 -21.65
CA ASP B 193 18.67 -19.37 -23.07
C ASP B 193 18.59 -20.90 -23.25
N PRO B 194 17.99 -21.35 -24.37
CA PRO B 194 17.76 -22.80 -24.53
C PRO B 194 19.02 -23.66 -24.74
N HIS B 195 20.14 -23.09 -25.16
CA HIS B 195 21.42 -23.82 -25.17
C HIS B 195 22.18 -23.80 -23.85
N LYS B 196 22.25 -22.64 -23.22
CA LYS B 196 23.02 -22.51 -21.98
C LYS B 196 22.20 -22.77 -20.70
N GLY B 197 20.87 -22.85 -20.80
CA GLY B 197 20.00 -22.97 -19.61
C GLY B 197 20.02 -21.65 -18.82
N TRP B 198 19.99 -21.70 -17.49
CA TRP B 198 20.17 -20.48 -16.69
C TRP B 198 21.62 -20.08 -16.55
N TYR B 199 21.99 -18.88 -17.00
CA TYR B 199 23.32 -18.36 -16.75
C TYR B 199 23.49 -18.13 -15.27
N PRO B 200 24.69 -18.48 -14.71
CA PRO B 200 24.94 -18.36 -13.27
C PRO B 200 24.90 -16.94 -12.72
N ASP B 201 25.05 -15.93 -13.58
CA ASP B 201 25.29 -14.57 -13.14
C ASP B 201 24.07 -13.64 -13.14
N LEU B 202 24.08 -12.76 -12.15
CA LEU B 202 23.10 -11.74 -11.99
C LEU B 202 23.62 -10.53 -12.70
N VAL B 203 22.83 -9.93 -13.57
CA VAL B 203 23.24 -8.71 -14.25
C VAL B 203 22.51 -7.50 -13.63
N THR B 204 23.24 -6.50 -13.17
CA THR B 204 22.63 -5.33 -12.54
C THR B 204 22.00 -4.40 -13.55
N ILE B 205 20.72 -4.10 -13.40
CA ILE B 205 20.04 -3.08 -14.20
C ILE B 205 19.83 -1.76 -13.43
N PHE B 206 20.00 -1.75 -12.10
CA PHE B 206 19.87 -0.50 -11.35
C PHE B 206 20.46 -0.68 -9.95
N ASP B 207 21.19 0.33 -9.49
CA ASP B 207 22.06 0.19 -8.31
C ASP B 207 21.31 0.17 -6.99
N ARG B 208 20.26 0.93 -6.87
CA ARG B 208 19.52 0.98 -5.61
C ARG B 208 18.14 1.50 -5.90
N ALA B 209 17.14 0.68 -5.59
CA ALA B 209 15.76 1.09 -5.81
C ALA B 209 15.00 0.98 -4.48
N PRO B 210 13.87 1.72 -4.37
CA PRO B 210 13.00 1.63 -3.17
C PRO B 210 12.66 0.19 -2.81
N PRO B 211 12.67 -0.14 -1.50
CA PRO B 211 12.29 -1.48 -1.06
C PRO B 211 10.90 -1.95 -1.55
N ARG B 212 10.86 -3.16 -2.11
CA ARG B 212 9.64 -3.74 -2.68
C ARG B 212 9.01 -2.91 -3.80
N THR B 213 9.82 -2.22 -4.58
CA THR B 213 9.30 -1.44 -5.68
C THR B 213 8.66 -2.37 -6.72
N ALA B 214 7.57 -1.94 -7.33
CA ALA B 214 7.01 -2.65 -8.50
C ALA B 214 8.03 -2.82 -9.63
N ILE B 215 7.90 -3.92 -10.36
CA ILE B 215 8.81 -4.29 -11.46
C ILE B 215 8.03 -5.02 -12.52
N ALA B 216 7.99 -4.43 -13.72
CA ALA B 216 7.28 -5.00 -14.86
C ALA B 216 8.21 -4.98 -16.09
N ALA B 217 8.11 -6.00 -16.94
CA ALA B 217 8.98 -6.12 -18.11
C ALA B 217 8.25 -6.70 -19.33
N THR B 218 8.78 -6.35 -20.51
CA THR B 218 8.32 -6.86 -21.80
C THR B 218 9.51 -6.94 -22.74
N SER B 219 9.29 -7.61 -23.87
CA SER B 219 10.28 -7.76 -24.94
C SER B 219 9.53 -7.83 -26.28
N PHE B 220 10.17 -7.35 -27.33
CA PHE B 220 9.56 -7.36 -28.65
C PHE B 220 10.66 -7.45 -29.71
N GLY B 221 10.25 -7.66 -30.96
CA GLY B 221 11.16 -7.54 -32.11
C GLY B 221 12.30 -8.53 -32.15
N ALA B 222 12.04 -9.74 -31.68
CA ALA B 222 13.02 -10.80 -31.76
C ALA B 222 13.48 -11.06 -33.21
N GLY B 223 14.79 -11.18 -33.41
CA GLY B 223 15.34 -11.50 -34.75
C GLY B 223 16.33 -12.64 -34.58
N ASN B 224 17.21 -12.83 -35.55
CA ASN B 224 18.34 -13.70 -35.36
C ASN B 224 19.31 -13.16 -34.31
N SER B 225 19.46 -13.90 -33.22
CA SER B 225 20.34 -13.49 -32.12
C SER B 225 20.18 -12.03 -31.68
N SER B 226 18.99 -11.49 -31.87
CA SER B 226 18.68 -10.13 -31.54
C SER B 226 17.39 -10.04 -30.70
N ILE B 227 17.30 -9.03 -29.84
CA ILE B 227 16.09 -8.81 -29.03
C ILE B 227 16.08 -7.38 -28.45
N TYR B 228 14.89 -6.84 -28.20
CA TYR B 228 14.71 -5.52 -27.53
C TYR B 228 13.93 -5.78 -26.26
N MET B 229 14.25 -5.08 -25.20
CA MET B 229 13.51 -5.27 -23.93
C MET B 229 13.41 -3.98 -23.15
N ARG B 230 12.36 -3.87 -22.37
CA ARG B 230 12.09 -2.73 -21.49
C ARG B 230 11.66 -3.25 -20.09
N ILE B 231 12.33 -2.75 -19.06
CA ILE B 231 12.00 -3.01 -17.65
C ILE B 231 11.53 -1.71 -17.00
N TYR B 232 10.42 -1.76 -16.27
CA TYR B 232 9.87 -0.59 -15.62
C TYR B 232 9.89 -0.78 -14.13
N PHE B 233 10.17 0.28 -13.39
CA PHE B 233 10.03 0.24 -11.92
C PHE B 233 9.66 1.59 -11.31
N VAL B 234 9.22 1.60 -10.07
CA VAL B 234 8.99 2.89 -9.35
C VAL B 234 10.23 3.31 -8.55
N ASN B 235 10.83 4.41 -8.99
CA ASN B 235 12.02 4.92 -8.39
C ASN B 235 11.61 5.83 -7.20
N SER B 236 12.60 6.24 -6.43
CA SER B 236 12.39 6.99 -5.20
C SER B 236 11.82 8.40 -5.43
N ASP B 237 11.81 8.84 -6.70
CA ASP B 237 11.28 10.13 -7.09
C ASP B 237 9.80 10.02 -7.45
N ASN B 238 9.14 8.97 -6.97
CA ASN B 238 7.71 8.74 -7.27
C ASN B 238 7.34 8.78 -8.74
N THR B 239 8.22 8.22 -9.56
CA THR B 239 7.93 8.03 -10.98
C THR B 239 8.32 6.65 -11.49
N ILE B 240 7.70 6.21 -12.56
CA ILE B 240 8.15 5.02 -13.29
C ILE B 240 9.45 5.36 -14.06
N TRP B 241 10.47 4.53 -13.88
CA TRP B 241 11.67 4.61 -14.67
C TRP B 241 11.63 3.46 -15.65
N GLN B 242 12.24 3.63 -16.82
CA GLN B 242 12.40 2.52 -17.79
C GLN B 242 13.88 2.23 -17.94
N VAL B 243 14.24 0.94 -18.02
CA VAL B 243 15.60 0.50 -18.43
C VAL B 243 15.49 -0.17 -19.83
N CYS B 244 16.29 0.29 -20.79
CA CYS B 244 16.20 -0.20 -22.18
C CYS B 244 17.31 -1.20 -22.51
N TRP B 245 16.93 -2.34 -23.07
CA TRP B 245 17.86 -3.20 -23.79
C TRP B 245 17.56 -3.01 -25.23
N ASP B 246 18.55 -2.57 -26.00
CA ASP B 246 18.38 -2.54 -27.44
C ASP B 246 19.45 -3.36 -28.15
N HIS B 247 19.06 -4.13 -29.17
CA HIS B 247 20.04 -4.95 -29.92
C HIS B 247 21.27 -4.10 -30.34
N GLY B 248 22.46 -4.55 -29.96
CA GLY B 248 23.71 -3.88 -30.29
C GLY B 248 24.15 -2.83 -29.30
N LYS B 249 23.23 -2.37 -28.48
CA LYS B 249 23.59 -1.41 -27.44
CA LYS B 249 23.57 -1.40 -27.44
C LYS B 249 23.58 -2.03 -26.04
N GLY B 250 22.92 -3.17 -25.87
CA GLY B 250 22.83 -3.74 -24.53
C GLY B 250 22.02 -2.83 -23.63
N TYR B 251 22.30 -2.86 -22.33
CA TYR B 251 21.62 -1.95 -21.38
C TYR B 251 22.25 -0.56 -21.42
N HIS B 252 21.63 0.38 -22.13
CA HIS B 252 22.34 1.61 -22.52
C HIS B 252 21.66 2.89 -22.14
N ASP B 253 20.39 2.79 -21.78
CA ASP B 253 19.60 3.96 -21.47
C ASP B 253 18.75 3.66 -20.23
N LYS B 254 18.57 4.64 -19.35
CA LYS B 254 17.60 4.53 -18.28
C LYS B 254 17.13 5.90 -17.86
N GLY B 255 15.84 6.02 -17.59
CA GLY B 255 15.31 7.29 -17.12
C GLY B 255 13.82 7.27 -16.83
N THR B 256 13.36 8.36 -16.26
CA THR B 256 11.98 8.49 -15.87
C THR B 256 11.00 8.58 -17.05
N ILE B 257 9.80 8.03 -16.89
CA ILE B 257 8.79 7.99 -17.92
C ILE B 257 7.55 8.79 -17.52
N THR B 258 7.04 8.56 -16.32
CA THR B 258 5.76 9.17 -15.90
C THR B 258 5.56 9.11 -14.40
N PRO B 259 4.95 10.16 -13.82
CA PRO B 259 4.76 10.14 -12.38
C PRO B 259 3.68 9.16 -11.94
N VAL B 260 3.82 8.63 -10.73
CA VAL B 260 2.82 7.76 -10.12
C VAL B 260 2.58 8.07 -8.65
N ILE B 261 1.49 7.57 -8.10
CA ILE B 261 1.30 7.66 -6.63
C ILE B 261 2.43 6.92 -5.96
N GLN B 262 2.82 7.36 -4.78
CA GLN B 262 3.73 6.62 -3.94
C GLN B 262 3.29 5.12 -3.85
N GLY B 263 4.24 4.19 -4.02
CA GLY B 263 3.93 2.74 -4.06
C GLY B 263 2.90 2.22 -5.07
N SER B 264 2.78 2.90 -6.22
CA SER B 264 1.98 2.37 -7.35
C SER B 264 2.53 1.02 -7.88
N GLU B 265 1.61 0.12 -8.25
CA GLU B 265 1.98 -1.05 -9.05
C GLU B 265 2.06 -0.62 -10.52
N VAL B 266 2.71 -1.45 -11.36
CA VAL B 266 2.98 -1.21 -12.78
C VAL B 266 2.76 -2.48 -13.63
N ALA B 267 2.14 -2.34 -14.81
CA ALA B 267 2.05 -3.37 -15.85
C ALA B 267 2.39 -2.79 -17.22
N ILE B 268 2.95 -3.66 -18.07
CA ILE B 268 3.42 -3.29 -19.37
C ILE B 268 2.91 -4.34 -20.35
N ILE B 269 2.51 -3.88 -21.54
CA ILE B 269 2.33 -4.73 -22.68
C ILE B 269 3.03 -4.10 -23.89
N SER B 270 3.36 -4.93 -24.87
CA SER B 270 3.95 -4.40 -26.11
C SER B 270 3.49 -5.21 -27.32
N TRP B 271 3.60 -4.59 -28.50
CA TRP B 271 3.51 -5.33 -29.77
C TRP B 271 4.27 -4.65 -30.89
N GLY B 272 4.48 -5.37 -31.98
CA GLY B 272 5.22 -4.85 -33.13
C GLY B 272 6.74 -4.72 -32.91
N SER B 273 7.37 -3.92 -33.77
CA SER B 273 8.82 -3.82 -33.84
C SER B 273 9.26 -2.54 -34.56
N PHE B 274 10.50 -2.12 -34.30
CA PHE B 274 11.08 -0.97 -35.01
C PHE B 274 10.98 -1.22 -36.53
N ALA B 275 11.24 -2.47 -36.95
CA ALA B 275 11.17 -2.87 -38.36
C ALA B 275 9.89 -2.49 -39.09
N ASN B 276 8.76 -2.48 -38.37
CA ASN B 276 7.47 -2.30 -39.01
C ASN B 276 6.54 -1.22 -38.37
N ASN B 277 7.05 0.01 -38.29
CA ASN B 277 6.32 1.15 -37.71
C ASN B 277 5.77 0.97 -36.29
N GLY B 278 6.46 0.13 -35.51
CA GLY B 278 6.24 0.01 -34.07
C GLY B 278 7.58 0.14 -33.40
N PRO B 279 7.72 -0.41 -32.20
CA PRO B 279 6.68 -1.10 -31.49
C PRO B 279 5.65 -0.14 -30.89
N ASP B 280 4.63 -0.74 -30.30
CA ASP B 280 3.69 -0.05 -29.45
C ASP B 280 3.87 -0.49 -27.97
N LEU B 281 3.88 0.46 -27.04
CA LEU B 281 3.92 0.12 -25.61
C LEU B 281 2.69 0.69 -24.87
N ARG B 282 2.19 -0.04 -23.87
CA ARG B 282 1.17 0.53 -22.98
C ARG B 282 1.59 0.27 -21.54
N LEU B 283 1.67 1.33 -20.72
CA LEU B 283 1.88 1.16 -19.29
C LEU B 283 0.59 1.45 -18.57
N TYR B 284 0.32 0.63 -17.55
CA TYR B 284 -0.82 0.87 -16.65
C TYR B 284 -0.31 1.04 -15.21
N PHE B 285 -0.90 1.99 -14.51
CA PHE B 285 -0.43 2.40 -13.19
C PHE B 285 -1.47 3.30 -12.52
N GLN B 286 -1.24 3.66 -11.27
CA GLN B 286 -2.04 4.70 -10.60
C GLN B 286 -1.25 6.02 -10.46
N ASN B 287 -1.81 7.15 -10.93
CA ASN B 287 -1.14 8.45 -10.75
C ASN B 287 -1.98 9.46 -9.97
N GLY B 288 -3.15 9.06 -9.50
CA GLY B 288 -3.95 9.91 -8.63
C GLY B 288 -5.14 10.49 -9.38
N THR B 289 -5.29 10.09 -10.64
CA THR B 289 -6.44 10.52 -11.44
C THR B 289 -7.70 9.96 -10.78
N TYR B 290 -8.65 10.84 -10.46
CA TYR B 290 -9.86 10.46 -9.69
C TYR B 290 -9.50 9.74 -8.38
N ILE B 291 -8.33 10.13 -7.83
CA ILE B 291 -7.69 9.52 -6.65
C ILE B 291 -7.18 8.10 -6.91
N SER B 292 -8.08 7.19 -7.26
CA SER B 292 -7.73 5.77 -7.27
C SER B 292 -7.96 5.05 -8.61
N ALA B 293 -8.22 5.77 -9.69
CA ALA B 293 -8.38 5.14 -10.99
C ALA B 293 -7.04 4.73 -11.59
N VAL B 294 -7.08 3.80 -12.53
CA VAL B 294 -5.90 3.30 -13.22
C VAL B 294 -5.79 4.13 -14.47
N SER B 295 -4.58 4.65 -14.73
CA SER B 295 -4.25 5.45 -15.91
C SER B 295 -3.33 4.69 -16.86
N GLU B 296 -3.18 5.25 -18.04
CA GLU B 296 -2.41 4.65 -19.12
C GLU B 296 -1.41 5.63 -19.71
N TRP B 297 -0.26 5.09 -20.08
CA TRP B 297 0.75 5.81 -20.84
C TRP B 297 0.98 5.08 -22.14
N VAL B 298 1.33 5.81 -23.19
CA VAL B 298 1.41 5.24 -24.55
C VAL B 298 2.80 5.55 -25.16
N TRP B 299 3.42 4.54 -25.79
CA TRP B 299 4.51 4.78 -26.74
C TRP B 299 4.13 4.21 -28.08
N ASN B 300 4.21 5.05 -29.12
CA ASN B 300 4.13 4.57 -30.51
C ASN B 300 4.99 5.45 -31.42
N ARG B 301 5.11 5.06 -32.69
CA ARG B 301 5.99 5.79 -33.62
C ARG B 301 5.38 7.12 -34.06
N ALA B 302 4.06 7.17 -34.18
CA ALA B 302 3.36 8.41 -34.49
C ALA B 302 3.70 9.57 -33.52
N HIS B 303 3.50 9.35 -32.21
CA HIS B 303 3.54 10.44 -31.22
C HIS B 303 4.62 10.32 -30.15
N GLY B 304 5.31 9.20 -30.03
CA GLY B 304 6.24 9.01 -28.90
C GLY B 304 5.58 8.85 -27.53
N SER B 305 6.29 9.22 -26.45
CA SER B 305 5.76 9.18 -25.08
C SER B 305 4.59 10.15 -24.95
N GLN B 306 3.46 9.65 -24.49
CA GLN B 306 2.27 10.45 -24.35
C GLN B 306 1.36 9.75 -23.37
N LEU B 307 0.61 10.50 -22.55
CA LEU B 307 -0.37 9.87 -21.69
C LEU B 307 -1.50 9.33 -22.54
N GLY B 308 -2.12 8.24 -22.10
CA GLY B 308 -3.16 7.58 -22.89
C GLY B 308 -4.45 7.78 -22.18
N ARG B 309 -5.26 6.73 -22.06
CA ARG B 309 -6.51 6.82 -21.28
C ARG B 309 -6.26 7.34 -19.85
N SER B 310 -6.89 8.45 -19.51
CA SER B 310 -6.72 9.10 -18.22
C SER B 310 -7.18 8.19 -17.05
N ALA B 311 -8.27 7.48 -17.23
CA ALA B 311 -8.89 6.71 -16.16
C ALA B 311 -9.58 5.54 -16.80
N LEU B 312 -9.09 4.34 -16.56
CA LEU B 312 -9.70 3.17 -17.17
C LEU B 312 -11.06 2.92 -16.53
N PRO B 313 -11.94 2.19 -17.24
CA PRO B 313 -13.14 1.70 -16.59
C PRO B 313 -12.83 0.87 -15.32
N PRO B 314 -13.64 1.00 -14.27
CA PRO B 314 -14.96 1.59 -14.30
C PRO B 314 -15.02 3.07 -13.91
N ALA B 315 -13.89 3.80 -13.95
CA ALA B 315 -13.88 5.20 -13.48
C ALA B 315 -14.79 6.07 -14.36
#